data_8AJ3
#
_entry.id   8AJ3
#
_cell.length_a   76.890
_cell.length_b   76.890
_cell.length_c   38.050
_cell.angle_alpha   90.000
_cell.angle_beta   90.000
_cell.angle_gamma   90.000
#
_symmetry.space_group_name_H-M   'P 43 21 2'
#
loop_
_entity.id
_entity.type
_entity.pdbx_description
1 polymer Lysozyme
2 non-polymer 'SODIUM ION'
3 non-polymer pentakis(oxidanyl)vanadium
4 non-polymer '4-(2-HYDROXYETHYL)-1-PIPERAZINE ETHANESULFONIC ACID'
5 non-polymer "8,8-bis($l^{1}-oxidanyl)-2,2'-dimethyl-8,8'-spirobi[3$l^{4},7,9-trioxa-8$l^{6}-vanadabicyclo[4.3.0]nona-1(6),2,4-triene]"
6 non-polymer 8,8,8,8-tetrakis($l^{1}-oxidanyl)-2-methyl-3,7,9-trioxa-8$l^{6}-vanadabicyclo[4.3.0]nona-1,5-diene
7 water water
#
_entity_poly.entity_id   1
_entity_poly.type   'polypeptide(L)'
_entity_poly.pdbx_seq_one_letter_code
;KVFGRCELAAAMKRHGLDNYRGYSLGNWVCAAKFESNFNTQATNRNTDGSTDYGILQINSRWWCNDGRTPGSRNLCNIPC
SALLSSDITASVNCAKKIVSDGNGMNAWVAWRNRCKGTDVQAWIRGCRL
;
_entity_poly.pdbx_strand_id   A
#
# COMPACT_ATOMS: atom_id res chain seq x y z
N LYS A 1 -2.49 -13.19 3.99
CA LYS A 1 -3.86 -13.01 4.50
C LYS A 1 -4.63 -12.18 3.47
N VAL A 2 -5.88 -12.57 3.20
CA VAL A 2 -6.81 -11.79 2.40
C VAL A 2 -7.78 -11.11 3.35
N PHE A 3 -7.68 -9.79 3.42
CA PHE A 3 -8.51 -9.00 4.31
C PHE A 3 -9.89 -8.83 3.73
N GLY A 4 -10.88 -8.70 4.62
CA GLY A 4 -12.14 -8.09 4.21
C GLY A 4 -12.03 -6.57 4.14
N ARG A 5 -12.91 -5.91 3.42
CA ARG A 5 -12.85 -4.48 3.20
C ARG A 5 -12.89 -3.73 4.53
N CYS A 6 -13.92 -4.01 5.34
CA CYS A 6 -14.02 -3.28 6.59
C CYS A 6 -12.93 -3.70 7.59
N GLU A 7 -12.49 -4.96 7.50
CA GLU A 7 -11.40 -5.41 8.36
C GLU A 7 -10.14 -4.60 8.05
N LEU A 8 -9.85 -4.41 6.76
CA LEU A 8 -8.67 -3.63 6.38
C LEU A 8 -8.88 -2.16 6.75
N ALA A 9 -10.06 -1.60 6.50
CA ALA A 9 -10.32 -0.23 6.89
C ALA A 9 -9.98 -0.03 8.37
N ALA A 10 -10.44 -0.94 9.24
CA ALA A 10 -10.15 -0.85 10.65
C ALA A 10 -8.65 -0.92 10.94
N ALA A 11 -7.94 -1.85 10.29
CA ALA A 11 -6.50 -1.97 10.52
C ALA A 11 -5.74 -0.73 10.03
N MET A 12 -6.12 -0.20 8.88
CA MET A 12 -5.47 0.98 8.31
C MET A 12 -5.75 2.19 9.20
N LYS A 13 -6.95 2.26 9.80
CA LYS A 13 -7.21 3.35 10.70
C LYS A 13 -6.43 3.16 12.00
N ARG A 14 -6.36 1.94 12.54
CA ARG A 14 -5.61 1.62 13.76
C ARG A 14 -4.16 2.10 13.64
N HIS A 15 -3.57 1.89 12.44
CA HIS A 15 -2.18 2.17 12.17
C HIS A 15 -1.93 3.60 11.69
N GLY A 16 -2.98 4.43 11.54
CA GLY A 16 -2.76 5.87 11.33
C GLY A 16 -2.84 6.40 9.90
N LEU A 17 -3.47 5.65 8.98
CA LEU A 17 -3.57 6.09 7.58
C LEU A 17 -4.75 7.02 7.35
N ASP A 18 -5.76 7.05 8.22
CA ASP A 18 -6.89 7.91 7.94
C ASP A 18 -6.46 9.38 7.97
N ASN A 19 -6.62 10.05 6.82
CA ASN A 19 -6.28 11.45 6.66
C ASN A 19 -4.76 11.67 6.74
N TYR A 20 -3.98 10.60 6.58
CA TYR A 20 -2.53 10.79 6.56
C TYR A 20 -2.14 11.56 5.29
N ARG A 21 -1.40 12.66 5.45
CA ARG A 21 -1.06 13.54 4.34
C ARG A 21 -2.31 14.01 3.58
N GLY A 22 -3.44 14.04 4.28
CA GLY A 22 -4.67 14.58 3.74
C GLY A 22 -5.48 13.56 2.93
N TYR A 23 -5.03 12.30 2.89
CA TYR A 23 -5.74 11.25 2.15
C TYR A 23 -6.67 10.50 3.09
N SER A 24 -7.96 10.66 2.85
CA SER A 24 -8.92 9.98 3.71
C SER A 24 -8.84 8.46 3.56
N LEU A 25 -9.32 7.78 4.60
CA LEU A 25 -9.23 6.32 4.68
C LEU A 25 -9.70 5.61 3.43
N GLY A 26 -10.78 6.08 2.78
CA GLY A 26 -11.30 5.41 1.61
C GLY A 26 -10.28 5.38 0.47
N ASN A 27 -9.40 6.41 0.40
CA ASN A 27 -8.33 6.37 -0.62
C ASN A 27 -7.42 5.17 -0.43
N TRP A 28 -7.09 4.85 0.82
CA TRP A 28 -6.15 3.79 1.13
C TRP A 28 -6.77 2.42 0.92
N VAL A 29 -8.09 2.28 1.26
CA VAL A 29 -8.80 1.02 1.04
C VAL A 29 -8.96 0.80 -0.46
N CYS A 30 -9.34 1.83 -1.20
CA CYS A 30 -9.49 1.69 -2.63
C CYS A 30 -8.14 1.31 -3.27
N ALA A 31 -7.05 1.97 -2.83
CA ALA A 31 -5.72 1.65 -3.36
C ALA A 31 -5.42 0.17 -3.13
N ALA A 32 -5.63 -0.27 -1.89
CA ALA A 32 -5.31 -1.67 -1.58
C ALA A 32 -6.13 -2.63 -2.42
N LYS A 33 -7.43 -2.31 -2.63
N LYS A 33 -7.42 -2.31 -2.65
CA LYS A 33 -8.28 -3.15 -3.42
CA LYS A 33 -8.24 -3.20 -3.42
C LYS A 33 -7.66 -3.36 -4.80
C LYS A 33 -7.69 -3.37 -4.83
N PHE A 34 -7.33 -2.27 -5.48
CA PHE A 34 -6.92 -2.41 -6.87
C PHE A 34 -5.45 -2.73 -7.05
N GLU A 35 -4.62 -2.51 -6.00
CA GLU A 35 -3.22 -2.90 -6.07
C GLU A 35 -3.06 -4.40 -5.79
N SER A 36 -3.77 -4.92 -4.77
CA SER A 36 -3.46 -6.25 -4.26
C SER A 36 -4.70 -7.13 -4.10
N ASN A 37 -5.90 -6.59 -4.36
CA ASN A 37 -7.12 -7.35 -4.07
C ASN A 37 -7.16 -7.72 -2.58
N PHE A 38 -6.64 -6.83 -1.71
CA PHE A 38 -6.67 -7.00 -0.26
C PHE A 38 -5.86 -8.20 0.22
N ASN A 39 -4.87 -8.61 -0.57
CA ASN A 39 -4.10 -9.80 -0.27
C ASN A 39 -2.67 -9.40 0.14
N THR A 40 -2.32 -9.62 1.42
CA THR A 40 -0.99 -9.27 1.91
C THR A 40 0.11 -10.02 1.15
N GLN A 41 -0.21 -11.19 0.56
CA GLN A 41 0.85 -11.98 -0.04
C GLN A 41 1.07 -11.65 -1.51
N ALA A 42 0.34 -10.67 -2.07
CA ALA A 42 0.46 -10.37 -3.48
C ALA A 42 1.87 -9.90 -3.87
N THR A 43 2.42 -10.43 -4.97
CA THR A 43 3.68 -9.98 -5.55
C THR A 43 3.51 -9.81 -7.05
N ASN A 44 4.20 -8.79 -7.62
CA ASN A 44 4.09 -8.65 -9.06
C ASN A 44 5.43 -8.11 -9.55
N ARG A 45 6.01 -8.82 -10.52
CA ARG A 45 7.25 -8.39 -11.13
C ARG A 45 7.01 -7.21 -12.07
N ASN A 46 7.95 -6.25 -12.08
CA ASN A 46 7.85 -5.07 -12.93
C ASN A 46 8.87 -5.20 -14.09
N THR A 47 8.72 -4.38 -15.14
CA THR A 47 9.53 -4.50 -16.34
C THR A 47 10.99 -4.18 -16.04
N ASP A 48 11.22 -3.28 -15.09
CA ASP A 48 12.61 -2.89 -14.81
C ASP A 48 13.34 -3.93 -13.96
N GLY A 49 12.63 -5.00 -13.55
CA GLY A 49 13.21 -6.09 -12.82
C GLY A 49 12.97 -5.97 -11.32
N SER A 50 12.44 -4.81 -10.88
CA SER A 50 11.92 -4.73 -9.51
C SER A 50 10.64 -5.54 -9.35
N THR A 51 10.21 -5.67 -8.10
CA THR A 51 8.96 -6.37 -7.79
C THR A 51 8.18 -5.48 -6.82
N ASP A 52 6.81 -5.51 -6.93
CA ASP A 52 5.94 -4.88 -5.97
C ASP A 52 5.39 -5.92 -4.99
N TYR A 53 5.34 -5.55 -3.72
CA TYR A 53 5.08 -6.50 -2.65
C TYR A 53 4.00 -6.00 -1.71
N GLY A 54 3.03 -6.91 -1.47
CA GLY A 54 2.13 -6.75 -0.35
C GLY A 54 0.83 -6.03 -0.69
N ILE A 55 0.06 -5.70 0.36
N ILE A 55 0.10 -5.73 0.40
CA ILE A 55 -1.27 -5.17 0.21
CA ILE A 55 -1.21 -5.11 0.48
C ILE A 55 -1.27 -3.81 -0.49
C ILE A 55 -1.27 -3.82 -0.33
N LEU A 56 -0.14 -3.10 -0.37
CA LEU A 56 0.02 -1.81 -1.08
C LEU A 56 1.14 -1.83 -2.16
N GLN A 57 1.55 -3.03 -2.61
CA GLN A 57 2.36 -3.17 -3.81
C GLN A 57 3.57 -2.19 -3.79
N ILE A 58 4.33 -2.31 -2.71
CA ILE A 58 5.51 -1.48 -2.46
C ILE A 58 6.69 -2.03 -3.25
N ASN A 59 7.41 -1.12 -3.96
CA ASN A 59 8.37 -1.52 -4.97
C ASN A 59 9.79 -1.65 -4.41
N SER A 60 10.45 -2.71 -4.81
CA SER A 60 11.84 -3.00 -4.41
C SER A 60 12.87 -2.08 -5.08
N ARG A 61 12.52 -1.29 -6.11
CA ARG A 61 13.54 -0.40 -6.70
C ARG A 61 13.91 0.69 -5.69
N TRP A 62 12.95 1.11 -4.87
CA TRP A 62 13.07 2.22 -3.95
C TRP A 62 13.02 1.86 -2.48
N TRP A 63 12.10 0.95 -2.10
CA TRP A 63 11.55 0.98 -0.74
C TRP A 63 11.98 -0.18 0.14
N CYS A 64 12.30 -1.32 -0.46
CA CYS A 64 12.62 -2.50 0.32
C CYS A 64 13.70 -3.27 -0.41
N ASN A 65 14.33 -4.20 0.32
CA ASN A 65 15.30 -5.06 -0.33
C ASN A 65 14.82 -6.46 -0.58
N ASP A 66 15.01 -6.89 -1.82
CA ASP A 66 14.57 -8.24 -2.17
C ASP A 66 15.70 -9.08 -2.74
N GLY A 67 16.90 -8.56 -2.68
CA GLY A 67 18.01 -9.42 -3.09
C GLY A 67 18.23 -9.60 -4.59
N ARG A 68 17.40 -8.98 -5.43
CA ARG A 68 17.45 -9.27 -6.85
C ARG A 68 17.16 -8.01 -7.67
N THR A 69 17.22 -6.82 -7.04
CA THR A 69 16.92 -5.58 -7.73
C THR A 69 18.20 -4.73 -7.70
N PRO A 70 19.17 -4.93 -8.61
CA PRO A 70 20.45 -4.23 -8.48
C PRO A 70 20.30 -2.72 -8.52
N GLY A 71 21.13 -2.11 -7.71
CA GLY A 71 21.33 -0.68 -7.76
C GLY A 71 20.16 0.00 -7.10
N SER A 72 19.21 -0.82 -6.59
CA SER A 72 18.03 -0.26 -5.99
C SER A 72 18.30 0.25 -4.58
N ARG A 73 17.34 1.06 -4.10
CA ARG A 73 17.33 1.58 -2.75
C ARG A 73 16.42 0.72 -1.88
N ASN A 74 16.46 0.99 -0.58
CA ASN A 74 15.82 0.28 0.51
C ASN A 74 15.47 1.36 1.52
N LEU A 75 14.63 2.31 1.09
CA LEU A 75 14.37 3.49 1.91
C LEU A 75 13.58 3.14 3.19
N CYS A 76 12.72 2.11 3.15
CA CYS A 76 12.02 1.73 4.37
C CYS A 76 12.88 0.81 5.23
N ASN A 77 14.10 0.49 4.78
CA ASN A 77 15.06 -0.28 5.56
C ASN A 77 14.47 -1.62 6.02
N ILE A 78 13.98 -2.45 5.09
CA ILE A 78 13.24 -3.66 5.45
C ILE A 78 13.44 -4.65 4.32
N PRO A 79 13.47 -5.98 4.57
CA PRO A 79 13.32 -6.95 3.48
C PRO A 79 11.90 -6.91 2.93
N CYS A 80 11.81 -7.06 1.62
CA CYS A 80 10.51 -6.96 0.98
C CYS A 80 9.55 -8.04 1.50
N SER A 81 10.05 -9.21 1.89
CA SER A 81 9.22 -10.28 2.45
C SER A 81 8.47 -9.79 3.69
N ALA A 82 8.98 -8.79 4.42
CA ALA A 82 8.28 -8.29 5.61
C ALA A 82 6.96 -7.61 5.24
N LEU A 83 6.89 -7.19 3.99
CA LEU A 83 5.68 -6.55 3.51
C LEU A 83 4.61 -7.56 3.07
N LEU A 84 4.88 -8.87 3.22
CA LEU A 84 3.87 -9.89 2.88
C LEU A 84 3.17 -10.45 4.11
N SER A 85 3.52 -9.94 5.29
CA SER A 85 3.02 -10.42 6.57
C SER A 85 1.50 -10.21 6.73
N SER A 86 0.83 -11.12 7.45
CA SER A 86 -0.53 -10.88 7.90
C SER A 86 -0.66 -9.59 8.71
N ASP A 87 0.43 -9.18 9.37
CA ASP A 87 0.49 -7.96 10.17
C ASP A 87 0.92 -6.84 9.23
N ILE A 88 0.05 -5.85 9.00
CA ILE A 88 0.30 -4.82 8.00
C ILE A 88 1.15 -3.67 8.54
N THR A 89 1.71 -3.78 9.76
CA THR A 89 2.49 -2.71 10.36
C THR A 89 3.56 -2.17 9.40
N ALA A 90 4.42 -3.07 8.91
CA ALA A 90 5.53 -2.70 8.06
C ALA A 90 5.06 -2.02 6.77
N SER A 91 3.99 -2.56 6.16
CA SER A 91 3.48 -1.98 4.94
C SER A 91 2.93 -0.59 5.19
N VAL A 92 2.28 -0.39 6.34
CA VAL A 92 1.73 0.93 6.60
C VAL A 92 2.83 1.94 6.85
N ASN A 93 3.86 1.56 7.63
CA ASN A 93 4.93 2.47 7.98
C ASN A 93 5.69 2.86 6.73
N CYS A 94 5.86 1.89 5.84
CA CYS A 94 6.54 2.19 4.59
C CYS A 94 5.70 3.09 3.69
N ALA A 95 4.40 2.79 3.61
CA ALA A 95 3.46 3.60 2.85
C ALA A 95 3.48 5.06 3.27
N LYS A 96 3.60 5.27 4.58
CA LYS A 96 3.67 6.64 5.08
C LYS A 96 4.91 7.35 4.53
N LYS A 97 6.02 6.63 4.36
N LYS A 97 6.01 6.59 4.42
CA LYS A 97 7.18 7.30 3.79
CA LYS A 97 7.20 7.19 3.83
C LYS A 97 7.00 7.53 2.29
C LYS A 97 6.91 7.55 2.38
N ILE A 98 6.37 6.58 1.61
CA ILE A 98 6.11 6.72 0.19
C ILE A 98 5.23 7.93 -0.08
N VAL A 99 4.13 8.06 0.66
CA VAL A 99 3.18 9.11 0.36
C VAL A 99 3.72 10.50 0.74
N SER A 100 4.79 10.54 1.53
CA SER A 100 5.40 11.79 1.96
C SER A 100 6.49 12.22 0.99
N ASP A 101 6.82 11.37 0.00
CA ASP A 101 8.03 11.49 -0.81
C ASP A 101 8.01 12.61 -1.86
N GLY A 102 6.82 13.11 -2.21
CA GLY A 102 6.73 14.23 -3.16
C GLY A 102 5.48 14.16 -4.06
N ASN A 103 5.10 12.96 -4.57
CA ASN A 103 3.97 12.84 -5.49
C ASN A 103 2.72 12.32 -4.80
N GLY A 104 2.74 12.29 -3.47
CA GLY A 104 1.58 11.81 -2.72
C GLY A 104 1.17 10.42 -3.19
N MET A 105 -0.15 10.21 -3.29
CA MET A 105 -0.63 8.87 -3.61
C MET A 105 -0.50 8.52 -5.09
N ASN A 106 0.00 9.45 -5.91
CA ASN A 106 0.25 9.14 -7.30
C ASN A 106 1.32 8.07 -7.43
N ALA A 107 2.09 7.79 -6.35
CA ALA A 107 3.03 6.68 -6.31
C ALA A 107 2.36 5.34 -6.57
N TRP A 108 1.06 5.27 -6.31
CA TRP A 108 0.28 4.04 -6.53
C TRP A 108 -0.48 4.20 -7.84
N VAL A 109 -0.04 3.48 -8.86
CA VAL A 109 -0.64 3.62 -10.17
C VAL A 109 -2.10 3.19 -10.15
N ALA A 110 -2.47 2.13 -9.39
CA ALA A 110 -3.87 1.74 -9.34
C ALA A 110 -4.69 2.84 -8.67
N TRP A 111 -4.15 3.50 -7.64
CA TRP A 111 -4.85 4.61 -7.03
C TRP A 111 -5.07 5.73 -8.07
N ARG A 112 -4.01 6.10 -8.78
CA ARG A 112 -4.18 7.19 -9.72
C ARG A 112 -5.22 6.85 -10.78
N ASN A 113 -5.20 5.63 -11.30
CA ASN A 113 -6.06 5.28 -12.41
C ASN A 113 -7.48 4.88 -12.04
N ARG A 114 -7.70 4.40 -10.81
CA ARG A 114 -8.98 3.78 -10.45
C ARG A 114 -9.61 4.40 -9.21
N CYS A 115 -8.90 5.20 -8.42
CA CYS A 115 -9.43 5.75 -7.18
C CYS A 115 -9.50 7.28 -7.21
N LYS A 116 -8.43 7.90 -7.72
CA LYS A 116 -8.30 9.35 -7.64
C LYS A 116 -9.47 10.01 -8.36
N GLY A 117 -10.11 10.97 -7.70
CA GLY A 117 -11.21 11.66 -8.34
C GLY A 117 -12.56 10.97 -8.25
N THR A 118 -12.61 9.79 -7.64
CA THR A 118 -13.83 9.01 -7.52
C THR A 118 -14.39 9.17 -6.11
N ASP A 119 -15.60 8.62 -5.88
CA ASP A 119 -16.23 8.65 -4.56
C ASP A 119 -15.59 7.62 -3.64
N VAL A 120 -14.39 7.96 -3.14
CA VAL A 120 -13.58 7.03 -2.36
C VAL A 120 -14.26 6.69 -1.03
N GLN A 121 -15.16 7.54 -0.52
CA GLN A 121 -15.82 7.33 0.76
C GLN A 121 -16.63 6.03 0.69
N ALA A 122 -17.05 5.62 -0.52
CA ALA A 122 -17.79 4.38 -0.68
C ALA A 122 -17.03 3.17 -0.09
N TRP A 123 -15.69 3.24 -0.12
CA TRP A 123 -14.90 2.09 0.27
C TRP A 123 -14.99 1.84 1.77
N ILE A 124 -15.46 2.84 2.54
CA ILE A 124 -15.61 2.61 3.97
C ILE A 124 -17.09 2.52 4.37
N ARG A 125 -18.00 2.57 3.39
CA ARG A 125 -19.42 2.61 3.72
C ARG A 125 -19.75 1.30 4.45
N GLY A 126 -20.55 1.39 5.52
CA GLY A 126 -21.00 0.19 6.20
C GLY A 126 -20.05 -0.31 7.30
N CYS A 127 -18.84 0.25 7.34
CA CYS A 127 -17.84 -0.25 8.27
C CYS A 127 -18.04 0.40 9.64
N ARG A 128 -17.65 -0.29 10.71
CA ARG A 128 -17.82 0.27 12.05
C ARG A 128 -16.57 1.08 12.42
N LEU A 129 -16.50 2.32 11.95
CA LEU A 129 -15.29 3.06 12.27
C LEU A 129 -15.66 4.25 13.18
#